data_8Y20
#
_entry.id   8Y20
#
_cell.length_a   100.100
_cell.length_b   137.280
_cell.length_c   38.660
_cell.angle_alpha   90.00
_cell.angle_beta   90.00
_cell.angle_gamma   90.00
#
_symmetry.space_group_name_H-M   'P 21 21 2'
#
loop_
_entity.id
_entity.type
_entity.pdbx_description
1 polymer 'Maltose/maltodextrin-binding periplasmic protein,Induced myeloid leukemia cell differentiation protein Mcl-1'
2 branched alpha-D-glucopyranose-(1-4)-alpha-D-glucopyranose
3 non-polymer A-1210477
4 water water
#
_entity_poly.entity_id   1
_entity_poly.type   'polypeptide(L)'
_entity_poly.pdbx_seq_one_letter_code
;MKIEEGKLVIWINGDKGYNGLAEVGKKFEKDTGIKVTVEHPDKLEEKFPQVAATGDGPDIIFWAHDRFGGYAQSGLLAEI
TPDKAFQDKLYPFTWDAVRYNGKLIAYPIAVEALSLIYNKDLLPNPPKTWEEIPALDKELKAKGKSALMFNLQEPYFTWP
LIAADGGYAFKYAAGKYDIKDVGVDNAGAKAGLTFLVDLIKNKHMNADTDYSIAEAAFNKGETAMTINGPWAWSNIDTSA
VNYGVTVLPTFKGQPSKPFVGVLSAGINAASPNKELAKEFLENYLLTDEGLEAVNKDKPLGAVALKSYEEELAKDPRIAA
TMENAQKGEIMPNIPQMSAFWYAVRTAVINAASGRQTVDEALKDAQTGSELYRQSLEIISRYLREQATGAADTAPMGASG
ATSRKALETLRRVGDGVQRNHETAFQGMLRKLDIKNEDDVKSLSRVMIHVFSDGVTNWGRIVTLISFGAFVAKHLKTINQ
ESCIEPLAESITDVLVRTKRDWLVKQRGWDGFVEFFHV
;
_entity_poly.pdbx_strand_id   A
#
# COMPACT_ATOMS: atom_id res chain seq x y z
N LYS A 2 2.79 -26.81 -3.39
CA LYS A 2 4.05 -26.32 -3.92
C LYS A 2 5.04 -26.07 -2.78
N ILE A 3 4.54 -25.61 -1.65
CA ILE A 3 5.40 -25.29 -0.50
C ILE A 3 5.76 -26.58 0.21
N GLU A 4 7.02 -26.74 0.54
CA GLU A 4 7.49 -27.93 1.20
C GLU A 4 7.15 -28.00 2.66
N GLU A 5 6.70 -29.15 3.10
CA GLU A 5 6.33 -29.35 4.48
C GLU A 5 7.54 -29.78 5.32
N GLY A 6 7.47 -29.50 6.60
CA GLY A 6 8.54 -29.85 7.51
C GLY A 6 9.65 -28.82 7.64
N LYS A 7 9.39 -27.58 7.25
CA LYS A 7 10.36 -26.50 7.40
C LYS A 7 9.59 -25.19 7.33
N LEU A 8 10.32 -24.07 7.45
CA LEU A 8 9.73 -22.74 7.38
C LEU A 8 10.61 -21.84 6.52
N VAL A 9 9.99 -21.23 5.51
CA VAL A 9 10.63 -20.18 4.71
C VAL A 9 9.96 -18.86 5.06
N ILE A 10 10.78 -17.84 5.35
CA ILE A 10 10.29 -16.53 5.76
C ILE A 10 10.85 -15.48 4.80
N TRP A 11 10.00 -14.55 4.38
CA TRP A 11 10.40 -13.40 3.58
C TRP A 11 10.33 -12.17 4.45
N ILE A 12 11.39 -11.35 4.44
CA ILE A 12 11.39 -10.07 5.12
C ILE A 12 12.24 -9.13 4.28
N ASN A 13 11.94 -7.84 4.37
CA ASN A 13 12.57 -6.83 3.54
C ASN A 13 14.04 -6.62 3.91
N GLY A 14 14.84 -6.22 2.92
CA GLY A 14 16.29 -6.14 3.07
C GLY A 14 16.77 -5.05 3.99
N ASP A 15 15.94 -4.11 4.39
CA ASP A 15 16.35 -3.09 5.33
C ASP A 15 16.06 -3.48 6.76
N LYS A 16 15.56 -4.68 7.00
CA LYS A 16 15.24 -5.13 8.34
C LYS A 16 16.30 -6.10 8.83
N GLY A 17 16.19 -6.48 10.11
CA GLY A 17 17.18 -7.33 10.72
C GLY A 17 17.00 -8.81 10.43
N TYR A 18 17.24 -9.22 9.19
CA TYR A 18 17.00 -10.62 8.80
C TYR A 18 18.07 -11.56 9.35
N ASN A 19 19.29 -11.07 9.57
CA ASN A 19 20.27 -11.90 10.26
C ASN A 19 19.79 -12.17 11.70
N GLY A 20 19.32 -11.12 12.39
CA GLY A 20 18.71 -11.31 13.69
C GLY A 20 17.54 -12.27 13.62
N LEU A 21 16.66 -12.09 12.61
CA LEU A 21 15.55 -13.03 12.45
C LEU A 21 16.05 -14.46 12.24
N ALA A 22 17.11 -14.63 11.44
CA ALA A 22 17.61 -15.99 11.24
C ALA A 22 18.12 -16.61 12.55
N GLU A 23 18.69 -15.78 13.45
CA GLU A 23 19.15 -16.28 14.74
C GLU A 23 17.99 -16.89 15.54
N VAL A 24 16.85 -16.19 15.59
CA VAL A 24 15.69 -16.75 16.23
C VAL A 24 15.32 -18.04 15.55
N GLY A 25 15.48 -18.10 14.22
CA GLY A 25 15.20 -19.33 13.49
C GLY A 25 16.06 -20.49 13.97
N LYS A 26 17.33 -20.25 14.21
CA LYS A 26 18.19 -21.35 14.58
C LYS A 26 17.82 -21.87 15.98
N LYS A 27 17.42 -20.97 16.87
CA LYS A 27 16.96 -21.44 18.17
C LYS A 27 15.70 -22.29 18.04
N PHE A 28 14.78 -21.88 17.16
CA PHE A 28 13.65 -22.73 16.83
C PHE A 28 14.11 -24.10 16.33
N GLU A 29 15.12 -24.12 15.45
CA GLU A 29 15.66 -25.38 14.94
C GLU A 29 16.24 -26.24 16.05
N LYS A 30 17.04 -25.64 16.94
CA LYS A 30 17.67 -26.41 18.02
C LYS A 30 16.63 -27.12 18.90
N ASP A 31 15.41 -26.57 18.98
CA ASP A 31 14.36 -27.21 19.78
C ASP A 31 13.59 -28.29 19.02
N THR A 32 13.27 -28.04 17.74
CA THR A 32 12.29 -28.85 17.00
C THR A 32 12.87 -29.71 15.91
N GLY A 33 14.09 -29.42 15.44
CA GLY A 33 14.61 -30.05 14.25
C GLY A 33 14.10 -29.48 12.94
N ILE A 34 13.32 -28.41 12.97
CA ILE A 34 12.81 -27.79 11.76
C ILE A 34 13.77 -26.67 11.32
N LYS A 35 14.16 -26.69 10.05
CA LYS A 35 15.04 -25.67 9.47
C LYS A 35 14.24 -24.41 9.18
N VAL A 36 14.87 -23.27 9.41
CA VAL A 36 14.26 -21.97 9.19
C VAL A 36 15.12 -21.19 8.24
N THR A 37 14.64 -20.97 7.02
CA THR A 37 15.34 -20.19 5.99
C THR A 37 14.72 -18.80 5.93
N VAL A 38 15.57 -17.77 6.04
CA VAL A 38 15.14 -16.38 5.97
C VAL A 38 15.68 -15.82 4.66
N GLU A 39 14.79 -15.21 3.85
CA GLU A 39 15.18 -14.58 2.61
C GLU A 39 14.66 -13.14 2.58
N HIS A 40 15.35 -12.28 1.83
CA HIS A 40 14.99 -10.86 1.68
C HIS A 40 15.02 -10.49 0.20
N PRO A 41 14.11 -11.07 -0.60
CA PRO A 41 14.17 -10.83 -2.05
C PRO A 41 13.75 -9.42 -2.41
N ASP A 42 14.19 -8.99 -3.59
CA ASP A 42 13.80 -7.70 -4.13
C ASP A 42 12.30 -7.65 -4.38
N LYS A 43 11.69 -6.53 -4.02
CA LYS A 43 10.30 -6.25 -4.33
C LYS A 43 9.38 -7.37 -3.81
N LEU A 44 9.67 -7.87 -2.61
CA LEU A 44 8.95 -9.03 -2.09
C LEU A 44 7.46 -8.76 -1.86
N GLU A 45 7.06 -7.49 -1.70
CA GLU A 45 5.66 -7.15 -1.50
C GLU A 45 4.85 -7.26 -2.79
N GLU A 46 5.51 -7.20 -3.95
CA GLU A 46 4.86 -7.49 -5.21
C GLU A 46 5.01 -8.94 -5.60
N LYS A 47 6.08 -9.61 -5.19
CA LYS A 47 6.23 -10.99 -5.57
C LYS A 47 5.32 -11.90 -4.76
N PHE A 48 5.13 -11.60 -3.46
CA PHE A 48 4.30 -12.46 -2.64
C PHE A 48 2.89 -12.73 -3.28
N PRO A 49 2.12 -11.68 -3.59
CA PRO A 49 0.76 -11.97 -4.14
C PRO A 49 0.80 -12.74 -5.43
N GLN A 50 1.81 -12.56 -6.28
CA GLN A 50 1.87 -13.35 -7.52
C GLN A 50 2.15 -14.83 -7.24
N VAL A 51 3.15 -15.09 -6.39
CA VAL A 51 3.51 -16.50 -6.18
C VAL A 51 2.50 -17.21 -5.30
N ALA A 52 1.95 -16.53 -4.29
CA ALA A 52 1.04 -17.15 -3.35
C ALA A 52 -0.30 -17.44 -4.00
N ALA A 53 -0.65 -16.68 -5.05
CA ALA A 53 -1.87 -16.98 -5.81
C ALA A 53 -1.82 -18.36 -6.43
N THR A 54 -0.64 -18.87 -6.76
CA THR A 54 -0.53 -20.22 -7.34
C THR A 54 -0.21 -21.27 -6.28
N GLY A 55 -0.35 -20.92 -5.00
CA GLY A 55 -0.06 -21.86 -3.94
C GLY A 55 1.39 -21.99 -3.55
N ASP A 56 2.23 -21.02 -3.96
CA ASP A 56 3.67 -21.07 -3.75
C ASP A 56 4.11 -19.95 -2.80
N GLY A 57 5.42 -19.79 -2.63
CA GLY A 57 5.95 -18.69 -1.87
C GLY A 57 6.44 -19.09 -0.50
N PRO A 58 6.61 -18.12 0.42
CA PRO A 58 7.06 -18.43 1.77
C PRO A 58 5.91 -18.80 2.70
N ASP A 59 6.27 -19.46 3.80
CA ASP A 59 5.28 -19.80 4.81
C ASP A 59 4.84 -18.55 5.57
N ILE A 60 5.78 -17.62 5.81
CA ILE A 60 5.52 -16.39 6.55
C ILE A 60 6.07 -15.23 5.74
N ILE A 61 5.26 -14.18 5.58
CA ILE A 61 5.75 -12.97 4.93
C ILE A 61 5.71 -11.81 5.93
N PHE A 62 6.78 -11.03 5.98
CA PHE A 62 6.85 -9.82 6.81
C PHE A 62 6.71 -8.58 5.94
N TRP A 63 5.92 -7.61 6.40
CA TRP A 63 5.76 -6.31 5.73
C TRP A 63 4.98 -5.43 6.68
N ALA A 64 4.99 -4.13 6.42
CA ALA A 64 4.10 -3.27 7.17
C ALA A 64 2.65 -3.66 6.86
N HIS A 65 1.75 -3.40 7.81
CA HIS A 65 0.40 -3.92 7.73
C HIS A 65 -0.37 -3.39 6.55
N ASP A 66 0.03 -2.26 5.95
CA ASP A 66 -0.85 -1.66 4.91
C ASP A 66 -1.08 -2.60 3.73
N ARG A 67 -0.12 -3.46 3.41
CA ARG A 67 -0.32 -4.35 2.26
C ARG A 67 -1.21 -5.55 2.56
N PHE A 68 -1.52 -5.83 3.83
CA PHE A 68 -2.09 -7.13 4.15
C PHE A 68 -3.59 -7.22 3.85
N GLY A 69 -4.30 -6.09 3.82
CA GLY A 69 -5.70 -6.10 3.42
C GLY A 69 -5.88 -6.70 2.04
N GLY A 70 -5.12 -6.20 1.05
CA GLY A 70 -5.13 -6.79 -0.29
C GLY A 70 -4.87 -8.28 -0.29
N TYR A 71 -3.84 -8.74 0.45
CA TYR A 71 -3.54 -10.18 0.49
C TYR A 71 -4.70 -10.96 1.09
N ALA A 72 -5.27 -10.48 2.19
CA ALA A 72 -6.39 -11.18 2.82
C ALA A 72 -7.60 -11.20 1.88
N GLN A 73 -7.87 -10.08 1.19
CA GLN A 73 -9.01 -10.04 0.26
C GLN A 73 -8.84 -11.07 -0.84
N SER A 74 -7.61 -11.33 -1.26
CA SER A 74 -7.30 -12.29 -2.31
C SER A 74 -7.20 -13.71 -1.80
N GLY A 75 -7.52 -13.95 -0.53
CA GLY A 75 -7.41 -15.29 0.04
C GLY A 75 -5.99 -15.82 0.25
N LEU A 76 -5.00 -14.94 0.40
CA LEU A 76 -3.60 -15.36 0.44
C LEU A 76 -3.06 -15.59 1.85
N LEU A 77 -3.79 -15.20 2.88
CA LEU A 77 -3.31 -15.24 4.25
C LEU A 77 -4.22 -16.13 5.10
N ALA A 78 -3.63 -16.90 5.99
CA ALA A 78 -4.41 -17.71 6.92
C ALA A 78 -4.88 -16.85 8.10
N GLU A 79 -6.08 -17.13 8.58
CA GLU A 79 -6.53 -16.43 9.78
C GLU A 79 -5.69 -16.88 10.98
N ILE A 80 -5.27 -15.93 11.78
CA ILE A 80 -4.47 -16.24 12.96
C ILE A 80 -5.39 -16.22 14.17
N THR A 81 -5.17 -17.17 15.09
CA THR A 81 -6.11 -17.43 16.17
C THR A 81 -5.33 -17.60 17.49
N PRO A 82 -4.72 -16.54 17.97
CA PRO A 82 -4.10 -16.61 19.30
C PRO A 82 -5.16 -16.62 20.38
N ASP A 83 -4.87 -17.32 21.47
CA ASP A 83 -5.75 -17.28 22.63
C ASP A 83 -5.63 -15.91 23.34
N LYS A 84 -6.52 -15.67 24.30
CA LYS A 84 -6.52 -14.40 24.99
C LYS A 84 -5.21 -14.16 25.75
N ALA A 85 -4.63 -15.21 26.33
CA ALA A 85 -3.35 -15.04 27.02
C ALA A 85 -2.30 -14.43 26.11
N PHE A 86 -2.24 -14.88 24.85
CA PHE A 86 -1.27 -14.28 23.96
C PHE A 86 -1.71 -12.89 23.48
N GLN A 87 -3.01 -12.73 23.13
CA GLN A 87 -3.44 -11.43 22.64
C GLN A 87 -3.25 -10.33 23.67
N ASP A 88 -3.38 -10.64 24.95
CA ASP A 88 -3.20 -9.65 26.00
C ASP A 88 -1.76 -9.14 26.09
N LYS A 89 -0.79 -9.88 25.53
CA LYS A 89 0.61 -9.47 25.61
C LYS A 89 0.98 -8.41 24.58
N LEU A 90 0.15 -8.18 23.56
CA LEU A 90 0.43 -7.14 22.58
C LEU A 90 -0.52 -5.98 22.80
N TYR A 91 -0.07 -4.77 22.40
CA TYR A 91 -0.89 -3.58 22.55
C TYR A 91 -2.16 -3.69 21.71
N PRO A 92 -3.35 -3.40 22.27
CA PRO A 92 -4.59 -3.49 21.46
C PRO A 92 -4.49 -2.82 20.10
N PHE A 93 -3.86 -1.63 20.03
CA PHE A 93 -3.90 -0.88 18.79
C PHE A 93 -3.09 -1.57 17.70
N THR A 94 -2.07 -2.35 18.07
CA THR A 94 -1.33 -3.06 17.03
C THR A 94 -2.16 -4.24 16.48
N TRP A 95 -2.96 -4.89 17.33
CA TRP A 95 -3.87 -5.92 16.83
C TRP A 95 -4.89 -5.31 15.85
N ASP A 96 -5.42 -4.13 16.17
CA ASP A 96 -6.35 -3.47 15.26
C ASP A 96 -5.76 -3.31 13.88
N ALA A 97 -4.40 -3.04 13.79
CA ALA A 97 -3.80 -2.77 12.51
C ALA A 97 -3.80 -3.97 11.59
N VAL A 98 -3.93 -5.18 12.14
CA VAL A 98 -3.87 -6.40 11.37
C VAL A 98 -5.21 -7.12 11.41
N ARG A 99 -6.30 -6.37 11.70
CA ARG A 99 -7.64 -6.90 11.65
C ARG A 99 -8.29 -6.48 10.33
N TYR A 100 -8.77 -7.44 9.54
CA TYR A 100 -9.37 -7.17 8.25
C TYR A 100 -10.71 -7.90 8.18
N ASN A 101 -11.77 -7.13 7.97
CA ASN A 101 -13.11 -7.68 7.91
C ASN A 101 -13.39 -8.55 9.13
N GLY A 102 -13.03 -8.03 10.29
CA GLY A 102 -13.30 -8.68 11.55
C GLY A 102 -12.39 -9.83 11.92
N LYS A 103 -11.38 -10.18 11.11
CA LYS A 103 -10.49 -11.27 11.44
C LYS A 103 -9.06 -10.80 11.51
N LEU A 104 -8.30 -11.36 12.45
CA LEU A 104 -6.88 -11.11 12.52
C LEU A 104 -6.17 -11.87 11.41
N ILE A 105 -5.37 -11.15 10.62
CA ILE A 105 -4.72 -11.73 9.47
C ILE A 105 -3.20 -11.69 9.58
N ALA A 106 -2.65 -11.20 10.69
CA ALA A 106 -1.22 -11.15 10.87
C ALA A 106 -0.87 -10.98 12.34
N TYR A 107 0.35 -11.38 12.69
CA TYR A 107 0.88 -11.05 14.00
C TYR A 107 1.59 -9.70 13.94
N PRO A 108 1.18 -8.70 14.74
CA PRO A 108 1.91 -7.44 14.73
C PRO A 108 3.25 -7.60 15.44
N ILE A 109 4.26 -6.85 14.98
CA ILE A 109 5.63 -7.00 15.48
C ILE A 109 6.08 -5.68 16.10
N ALA A 110 6.11 -4.62 15.30
CA ALA A 110 6.70 -3.36 15.72
C ALA A 110 6.00 -2.19 15.04
N VAL A 111 5.98 -1.05 15.71
CA VAL A 111 5.38 0.17 15.18
C VAL A 111 6.52 1.04 14.62
N GLU A 112 6.40 1.44 13.35
CA GLU A 112 7.36 2.22 12.63
C GLU A 112 6.82 3.56 12.24
N ALA A 113 7.59 4.62 12.50
CA ALA A 113 7.26 5.96 12.03
C ALA A 113 8.56 6.67 11.66
N LEU A 114 8.48 7.53 10.63
CA LEU A 114 9.66 8.31 10.25
C LEU A 114 9.94 9.40 11.29
N SER A 115 11.25 9.69 11.47
CA SER A 115 11.66 10.83 12.26
C SER A 115 12.68 11.67 11.48
N LEU A 116 12.96 12.86 11.99
CA LEU A 116 14.09 13.62 11.47
C LEU A 116 15.37 13.18 12.20
N ILE A 117 16.35 12.69 11.48
CA ILE A 117 17.65 12.31 12.02
C ILE A 117 18.64 13.39 11.60
N TYR A 118 19.37 13.94 12.55
CA TYR A 118 20.22 15.09 12.30
C TYR A 118 21.61 14.90 12.94
N ASN A 119 22.60 15.49 12.32
CA ASN A 119 24.00 15.39 12.77
C ASN A 119 24.28 16.48 13.80
N LYS A 120 24.47 16.09 15.06
CA LYS A 120 24.64 17.05 16.13
C LYS A 120 25.95 17.86 16.03
N ASP A 121 26.91 17.41 15.20
CA ASP A 121 28.13 18.19 15.07
C ASP A 121 27.99 19.30 14.04
N LEU A 122 27.07 19.18 13.08
CA LEU A 122 26.79 20.24 12.11
C LEU A 122 25.63 21.13 12.53
N LEU A 123 24.54 20.54 13.06
CA LEU A 123 23.35 21.25 13.50
C LEU A 123 23.06 20.86 14.94
N PRO A 124 23.65 21.53 15.92
CA PRO A 124 23.25 21.29 17.30
C PRO A 124 21.78 21.57 17.57
N ASN A 125 21.14 22.38 16.72
CA ASN A 125 19.72 22.71 16.87
C ASN A 125 19.01 22.44 15.55
N PRO A 126 18.30 21.33 15.45
CA PRO A 126 17.62 21.01 14.20
C PRO A 126 16.47 21.98 13.92
N PRO A 127 16.17 22.23 12.65
CA PRO A 127 15.08 23.16 12.32
C PRO A 127 13.71 22.63 12.76
N LYS A 128 12.89 23.52 13.23
CA LYS A 128 11.55 23.13 13.60
C LYS A 128 10.57 23.22 12.43
N THR A 129 10.91 23.99 11.40
CA THR A 129 10.06 24.24 10.24
C THR A 129 10.77 23.80 8.99
N TRP A 130 9.98 23.27 8.03
CA TRP A 130 10.50 23.02 6.68
C TRP A 130 10.92 24.33 6.01
N GLU A 131 10.17 25.42 6.27
CA GLU A 131 10.41 26.72 5.61
C GLU A 131 11.83 27.26 5.82
N GLU A 132 12.46 26.93 6.94
CA GLU A 132 13.79 27.45 7.22
C GLU A 132 14.91 26.58 6.67
N ILE A 133 14.59 25.51 5.94
CA ILE A 133 15.63 24.60 5.49
C ILE A 133 16.45 25.20 4.33
N PRO A 134 15.81 25.93 3.38
CA PRO A 134 16.62 26.58 2.33
C PRO A 134 17.72 27.49 2.86
N ALA A 135 17.41 28.35 3.83
CA ALA A 135 18.41 29.24 4.35
C ALA A 135 19.50 28.47 5.09
N LEU A 136 19.11 27.46 5.86
CA LEU A 136 20.10 26.60 6.50
C LEU A 136 21.00 25.91 5.45
N ASP A 137 20.39 25.48 4.34
CA ASP A 137 21.21 24.85 3.30
C ASP A 137 22.20 25.84 2.72
N LYS A 138 21.78 27.08 2.47
CA LYS A 138 22.73 28.12 2.04
C LYS A 138 23.88 28.27 3.05
N GLU A 139 23.53 28.22 4.33
CA GLU A 139 24.52 28.33 5.40
C GLU A 139 25.49 27.15 5.40
N LEU A 140 24.98 25.95 5.20
CA LEU A 140 25.82 24.76 5.20
C LEU A 140 26.59 24.62 3.89
N LYS A 141 25.97 24.96 2.75
CA LYS A 141 26.68 24.86 1.48
C LYS A 141 28.00 25.67 1.54
N ALA A 142 27.94 26.84 2.12
CA ALA A 142 29.15 27.68 2.24
C ALA A 142 30.23 26.99 3.03
N LYS A 143 29.89 26.00 3.85
CA LYS A 143 30.86 25.18 4.58
C LYS A 143 31.12 23.85 3.89
N GLY A 144 30.61 23.65 2.67
CA GLY A 144 30.87 22.40 1.97
C GLY A 144 29.96 21.26 2.38
N LYS A 145 28.84 21.57 3.01
CA LYS A 145 27.85 20.58 3.43
C LYS A 145 26.52 20.92 2.80
N SER A 146 25.53 20.06 3.07
CA SER A 146 24.16 20.36 2.70
C SER A 146 23.26 20.11 3.90
N ALA A 147 22.05 20.68 3.83
CA ALA A 147 21.12 20.63 4.96
C ALA A 147 20.50 19.23 5.08
N LEU A 148 19.90 18.70 3.98
CA LEU A 148 18.99 17.56 4.11
C LEU A 148 18.97 16.69 2.84
N MET A 149 19.09 15.37 3.03
CA MET A 149 18.97 14.43 1.92
C MET A 149 18.17 13.23 2.41
N PHE A 150 17.13 12.84 1.66
CA PHE A 150 16.37 11.65 1.95
C PHE A 150 15.79 11.06 0.66
N ASN A 151 15.44 9.77 0.75
CA ASN A 151 14.95 8.98 -0.38
C ASN A 151 13.76 9.67 -1.06
N LEU A 152 13.92 10.06 -2.33
CA LEU A 152 12.82 10.70 -3.05
C LEU A 152 12.16 9.75 -4.06
N GLN A 153 12.56 8.47 -4.07
CA GLN A 153 11.97 7.51 -5.02
C GLN A 153 10.81 6.73 -4.43
N GLU A 154 10.66 6.76 -3.10
CA GLU A 154 9.59 6.02 -2.43
C GLU A 154 8.66 7.03 -1.75
N PRO A 155 7.37 7.05 -2.08
CA PRO A 155 6.49 8.10 -1.52
C PRO A 155 6.37 8.03 -0.01
N TYR A 156 6.66 6.88 0.60
CA TYR A 156 6.64 6.78 2.07
C TYR A 156 7.36 7.95 2.73
N PHE A 157 8.44 8.42 2.11
CA PHE A 157 9.33 9.41 2.76
C PHE A 157 8.87 10.84 2.50
N THR A 158 8.15 11.06 1.38
CA THR A 158 7.69 12.41 1.05
C THR A 158 6.28 12.67 1.56
N TRP A 159 5.49 11.61 1.86
CA TRP A 159 4.14 11.73 2.36
C TRP A 159 3.99 12.61 3.59
N PRO A 160 4.88 12.55 4.59
CA PRO A 160 4.70 13.44 5.78
C PRO A 160 4.52 14.89 5.39
N LEU A 161 5.38 15.38 4.50
CA LEU A 161 5.26 16.77 4.05
C LEU A 161 3.94 16.98 3.27
N ILE A 162 3.52 15.96 2.51
CA ILE A 162 2.34 16.12 1.65
C ILE A 162 1.08 16.15 2.47
N ALA A 163 1.01 15.33 3.53
CA ALA A 163 -0.18 15.33 4.37
C ALA A 163 -0.22 16.51 5.34
N ALA A 164 0.92 17.19 5.57
CA ALA A 164 1.00 18.18 6.64
C ALA A 164 -0.10 19.24 6.53
N ASP A 165 -0.29 19.79 5.32
CA ASP A 165 -1.25 20.89 5.11
C ASP A 165 -2.60 20.44 4.56
N GLY A 166 -2.92 19.15 4.63
CA GLY A 166 -4.29 18.76 4.28
C GLY A 166 -4.38 17.56 3.35
N GLY A 167 -3.23 17.13 2.79
CA GLY A 167 -3.24 15.95 1.93
C GLY A 167 -3.58 14.71 2.73
N TYR A 168 -4.32 13.78 2.11
CA TYR A 168 -4.62 12.53 2.77
C TYR A 168 -4.96 11.47 1.72
N ALA A 169 -4.97 10.21 2.16
CA ALA A 169 -5.25 9.11 1.27
C ALA A 169 -6.76 8.87 1.18
N PHE A 170 -7.36 8.22 2.19
CA PHE A 170 -8.78 8.00 2.26
C PHE A 170 -9.33 8.67 3.51
N LYS A 171 -10.44 9.43 3.36
CA LYS A 171 -10.96 10.26 4.44
C LYS A 171 -11.35 9.43 5.67
N TYR A 172 -11.43 10.10 6.82
CA TYR A 172 -11.71 9.49 8.13
C TYR A 172 -11.00 8.13 8.32
N LYS A 176 -15.10 5.48 9.94
CA LYS A 176 -14.36 4.56 9.07
C LYS A 176 -13.78 5.29 7.84
N TYR A 177 -12.92 4.57 7.09
CA TYR A 177 -12.34 5.12 5.85
C TYR A 177 -13.40 5.16 4.74
N ASP A 178 -13.62 6.34 4.18
CA ASP A 178 -14.49 6.49 3.01
C ASP A 178 -13.61 6.34 1.77
N ILE A 179 -13.57 5.12 1.21
CA ILE A 179 -12.77 4.83 0.02
C ILE A 179 -13.18 5.70 -1.17
N LYS A 180 -14.27 6.45 -1.06
CA LYS A 180 -14.72 7.32 -2.15
C LYS A 180 -14.18 8.74 -2.00
N ASP A 181 -13.62 9.08 -0.86
CA ASP A 181 -13.04 10.42 -0.64
C ASP A 181 -11.52 10.28 -0.64
N VAL A 182 -10.90 10.70 -1.73
CA VAL A 182 -9.43 10.64 -1.89
C VAL A 182 -8.88 12.07 -1.85
N GLY A 183 -7.83 12.27 -1.07
CA GLY A 183 -7.30 13.60 -0.88
C GLY A 183 -5.87 13.75 -1.41
N VAL A 184 -5.67 13.28 -2.64
CA VAL A 184 -4.32 13.31 -3.20
C VAL A 184 -4.07 14.56 -4.04
N ASP A 185 -5.13 15.21 -4.56
CA ASP A 185 -4.91 16.37 -5.42
C ASP A 185 -5.57 17.63 -4.88
N ASN A 186 -5.84 17.68 -3.58
CA ASN A 186 -6.42 18.89 -2.99
C ASN A 186 -5.29 19.89 -2.66
N ALA A 187 -5.70 21.08 -2.20
CA ALA A 187 -4.78 22.20 -2.01
C ALA A 187 -3.65 21.87 -1.03
N GLY A 188 -3.94 21.06 0.00
CA GLY A 188 -2.93 20.73 0.97
C GLY A 188 -1.84 19.86 0.35
N ALA A 189 -2.23 18.74 -0.28
CA ALA A 189 -1.27 17.91 -1.02
C ALA A 189 -0.45 18.77 -1.96
N LYS A 190 -1.11 19.66 -2.73
CA LYS A 190 -0.36 20.50 -3.67
C LYS A 190 0.69 21.35 -2.94
N ALA A 191 0.29 21.94 -1.81
CA ALA A 191 1.17 22.86 -1.11
C ALA A 191 2.42 22.13 -0.64
N GLY A 192 2.26 20.92 -0.09
CA GLY A 192 3.43 20.13 0.34
C GLY A 192 4.31 19.70 -0.82
N LEU A 193 3.70 19.13 -1.87
CA LEU A 193 4.54 18.66 -2.96
C LEU A 193 5.20 19.81 -3.69
N THR A 194 4.53 20.96 -3.75
CA THR A 194 5.15 22.14 -4.32
C THR A 194 6.39 22.56 -3.54
N PHE A 195 6.30 22.55 -2.20
CA PHE A 195 7.49 22.89 -1.40
C PHE A 195 8.64 21.93 -1.69
N LEU A 196 8.34 20.63 -1.86
CA LEU A 196 9.39 19.68 -2.18
C LEU A 196 10.00 19.99 -3.55
N VAL A 197 9.15 20.23 -4.55
CA VAL A 197 9.66 20.51 -5.90
C VAL A 197 10.52 21.78 -5.89
N ASP A 198 10.07 22.82 -5.15
CA ASP A 198 10.83 24.05 -5.07
C ASP A 198 12.19 23.78 -4.42
N LEU A 199 12.25 22.93 -3.40
CA LEU A 199 13.53 22.58 -2.80
C LEU A 199 14.48 22.03 -3.86
N ILE A 200 13.97 21.19 -4.76
CA ILE A 200 14.79 20.63 -5.83
C ILE A 200 15.20 21.72 -6.81
N LYS A 201 14.25 22.60 -7.18
CA LYS A 201 14.52 23.64 -8.16
C LYS A 201 15.64 24.57 -7.69
N ASN A 202 15.67 24.90 -6.40
CA ASN A 202 16.66 25.82 -5.86
C ASN A 202 17.96 25.12 -5.47
N LYS A 203 18.17 23.90 -5.92
CA LYS A 203 19.39 23.15 -5.71
C LYS A 203 19.59 22.74 -4.25
N HIS A 204 18.54 22.81 -3.45
CA HIS A 204 18.61 22.29 -2.09
C HIS A 204 18.50 20.75 -2.03
N MET A 205 17.95 20.12 -3.05
CA MET A 205 17.83 18.66 -3.09
C MET A 205 17.94 18.22 -4.55
N ASN A 206 18.24 16.95 -4.74
CA ASN A 206 18.38 16.36 -6.06
C ASN A 206 17.28 15.36 -6.29
N ALA A 207 16.53 15.50 -7.40
CA ALA A 207 15.41 14.60 -7.67
C ALA A 207 15.85 13.15 -7.75
N ASP A 208 17.14 12.89 -8.00
CA ASP A 208 17.60 11.53 -8.18
C ASP A 208 18.00 10.86 -6.87
N THR A 209 18.00 11.58 -5.75
CA THR A 209 18.44 10.96 -4.50
C THR A 209 17.50 9.82 -4.10
N ASP A 210 18.09 8.66 -3.77
CA ASP A 210 17.33 7.50 -3.30
C ASP A 210 17.79 7.10 -1.90
N TYR A 211 17.36 5.90 -1.48
CA TYR A 211 17.71 5.42 -0.15
C TYR A 211 19.23 5.37 0.03
N SER A 212 19.94 4.71 -0.85
CA SER A 212 21.36 4.49 -0.64
C SER A 212 22.16 5.81 -0.71
N ILE A 213 21.87 6.60 -1.74
CA ILE A 213 22.61 7.89 -1.81
C ILE A 213 22.37 8.74 -0.54
N ALA A 214 21.13 8.82 -0.05
CA ALA A 214 20.86 9.65 1.13
C ALA A 214 21.52 9.06 2.37
N GLU A 215 21.42 7.71 2.55
CA GLU A 215 22.01 7.07 3.71
C GLU A 215 23.52 7.30 3.77
N ALA A 216 24.20 7.09 2.64
CA ALA A 216 25.67 7.25 2.62
C ALA A 216 26.08 8.70 2.78
N ALA A 217 25.26 9.64 2.31
CA ALA A 217 25.62 11.04 2.46
C ALA A 217 25.57 11.44 3.94
N PHE A 218 24.48 11.06 4.62
CA PHE A 218 24.38 11.38 6.04
C PHE A 218 25.46 10.66 6.86
N ASN A 219 25.64 9.36 6.64
CA ASN A 219 26.54 8.54 7.43
C ASN A 219 28.01 8.90 7.21
N LYS A 220 28.34 9.66 6.16
CA LYS A 220 29.66 10.20 5.94
C LYS A 220 29.79 11.63 6.41
N GLY A 221 28.68 12.26 6.82
CA GLY A 221 28.77 13.60 7.34
C GLY A 221 28.73 14.69 6.29
N GLU A 222 28.29 14.37 5.06
CA GLU A 222 28.19 15.40 4.03
C GLU A 222 26.91 16.21 4.14
N THR A 223 25.83 15.60 4.60
CA THR A 223 24.56 16.29 4.78
C THR A 223 24.21 16.28 6.26
N ALA A 224 23.58 17.37 6.72
CA ALA A 224 23.26 17.55 8.15
C ALA A 224 22.03 16.79 8.63
N MET A 225 21.08 16.44 7.74
CA MET A 225 19.83 15.83 8.15
C MET A 225 19.40 14.76 7.17
N THR A 226 18.71 13.76 7.70
CA THR A 226 18.03 12.81 6.83
C THR A 226 16.68 12.46 7.47
N ILE A 227 15.85 11.74 6.71
CA ILE A 227 14.53 11.30 7.17
C ILE A 227 14.48 9.79 6.98
N ASN A 228 14.34 9.04 8.07
CA ASN A 228 14.36 7.58 7.98
C ASN A 228 13.72 7.01 9.23
N GLY A 229 13.61 5.67 9.24
CA GLY A 229 12.97 4.94 10.31
C GLY A 229 13.99 4.29 11.24
N PRO A 230 13.49 3.59 12.26
CA PRO A 230 14.40 3.01 13.26
C PRO A 230 15.38 1.98 12.68
N TRP A 231 14.99 1.28 11.59
CA TRP A 231 15.87 0.28 11.01
C TRP A 231 17.20 0.87 10.52
N ALA A 232 17.25 2.16 10.27
CA ALA A 232 18.44 2.81 9.75
C ALA A 232 19.42 3.19 10.85
N TRP A 233 19.07 3.05 12.12
CA TRP A 233 19.94 3.51 13.18
C TRP A 233 21.22 2.70 13.25
N SER A 234 21.18 1.41 12.95
CA SER A 234 22.36 0.59 13.12
C SER A 234 23.50 1.10 12.21
N ASN A 235 23.13 1.39 10.96
CA ASN A 235 24.22 1.83 10.06
C ASN A 235 24.80 3.20 10.48
N ILE A 236 23.98 4.08 11.03
CA ILE A 236 24.52 5.33 11.54
C ILE A 236 25.42 5.08 12.74
N ASP A 237 25.03 4.18 13.63
CA ASP A 237 25.87 3.83 14.78
C ASP A 237 27.28 3.46 14.32
N THR A 238 27.36 2.62 13.28
CA THR A 238 28.64 2.15 12.77
C THR A 238 29.49 3.29 12.19
N SER A 239 28.87 4.23 11.50
CA SER A 239 29.63 5.38 10.99
C SER A 239 30.09 6.32 12.08
N ALA A 240 29.69 6.07 13.34
CA ALA A 240 30.13 6.88 14.48
C ALA A 240 29.68 8.32 14.36
N VAL A 241 28.72 8.62 13.50
CA VAL A 241 28.17 9.98 13.45
C VAL A 241 27.41 10.27 14.75
N ASN A 242 27.48 11.53 15.15
CA ASN A 242 26.85 12.00 16.40
C ASN A 242 25.45 12.50 16.06
N TYR A 243 24.49 11.62 16.14
CA TYR A 243 23.16 11.92 15.57
C TYR A 243 22.12 11.97 16.67
N GLY A 244 21.11 12.80 16.42
CA GLY A 244 19.90 12.81 17.22
C GLY A 244 18.72 12.40 16.38
N VAL A 245 17.64 11.96 17.04
CA VAL A 245 16.39 11.53 16.36
C VAL A 245 15.29 12.39 16.98
N THR A 246 14.54 13.13 16.16
CA THR A 246 13.69 14.16 16.72
C THR A 246 12.42 14.35 15.86
N VAL A 247 11.60 15.32 16.28
CA VAL A 247 10.32 15.54 15.63
C VAL A 247 10.57 16.10 14.23
N LEU A 248 9.75 15.60 13.26
CA LEU A 248 9.90 16.12 11.89
C LEU A 248 9.54 17.60 11.85
N PRO A 249 10.02 18.32 10.84
CA PRO A 249 9.75 19.77 10.78
C PRO A 249 8.29 20.01 10.47
N THR A 250 7.77 21.12 10.98
CA THR A 250 6.43 21.49 10.62
C THR A 250 6.43 22.14 9.23
N PHE A 251 5.23 22.15 8.62
CA PHE A 251 5.02 22.84 7.36
C PHE A 251 3.81 23.74 7.53
N LYS A 252 3.98 25.03 7.21
CA LYS A 252 2.88 25.99 7.32
C LYS A 252 2.26 25.95 8.71
N GLY A 253 3.10 25.78 9.73
CA GLY A 253 2.67 25.80 11.11
C GLY A 253 2.15 24.48 11.63
N GLN A 254 1.97 23.47 10.78
CA GLN A 254 1.38 22.21 11.21
C GLN A 254 2.37 21.07 11.15
N PRO A 255 2.13 20.01 11.91
CA PRO A 255 3.10 18.91 11.98
C PRO A 255 3.17 18.12 10.68
N SER A 256 4.35 17.61 10.38
CA SER A 256 4.45 16.59 9.37
C SER A 256 3.76 15.34 9.87
N LYS A 257 3.04 14.64 8.99
CA LYS A 257 2.18 13.54 9.37
C LYS A 257 2.62 12.28 8.62
N PRO A 258 3.51 11.51 9.18
CA PRO A 258 3.93 10.31 8.49
C PRO A 258 2.93 9.17 8.60
N PHE A 259 2.83 8.36 7.57
CA PHE A 259 1.98 7.24 7.62
C PHE A 259 2.66 6.23 8.49
N VAL A 260 2.03 5.84 9.58
CA VAL A 260 2.62 4.89 10.45
C VAL A 260 2.31 3.46 10.00
N GLY A 261 3.31 2.61 10.04
CA GLY A 261 3.16 1.22 9.64
C GLY A 261 3.51 0.30 10.80
N VAL A 262 2.79 -0.82 10.88
CA VAL A 262 3.08 -1.88 11.84
C VAL A 262 3.69 -3.04 11.09
N LEU A 263 5.00 -3.25 11.27
CA LEU A 263 5.59 -4.49 10.76
C LEU A 263 4.82 -5.70 11.26
N SER A 264 4.44 -6.59 10.36
CA SER A 264 3.58 -7.70 10.76
C SER A 264 3.90 -8.95 9.99
N ALA A 265 3.60 -10.12 10.56
CA ALA A 265 4.00 -11.39 10.03
C ALA A 265 2.75 -12.20 9.68
N GLY A 266 2.56 -12.48 8.40
CA GLY A 266 1.38 -13.19 7.91
C GLY A 266 1.75 -14.61 7.53
N ILE A 267 0.81 -15.52 7.71
CA ILE A 267 1.02 -16.93 7.39
C ILE A 267 0.33 -17.22 6.07
N ASN A 268 1.07 -17.79 5.12
CA ASN A 268 0.57 -18.07 3.78
C ASN A 268 -0.62 -19.04 3.82
N ALA A 269 -1.71 -18.66 3.18
CA ALA A 269 -2.90 -19.52 3.20
C ALA A 269 -2.63 -20.90 2.60
N ALA A 270 -1.61 -21.03 1.76
CA ALA A 270 -1.31 -22.32 1.12
C ALA A 270 -0.17 -23.05 1.81
N SER A 271 0.28 -22.61 2.96
CA SER A 271 1.41 -23.24 3.60
C SER A 271 0.98 -24.48 4.35
N PRO A 272 1.64 -25.63 4.21
CA PRO A 272 1.33 -26.82 5.01
C PRO A 272 1.89 -26.78 6.42
N ASN A 273 2.62 -25.73 6.79
CA ASN A 273 3.29 -25.66 8.10
C ASN A 273 2.71 -24.56 8.99
N LYS A 274 1.37 -24.42 9.02
CA LYS A 274 0.76 -23.32 9.75
C LYS A 274 0.92 -23.48 11.27
N GLU A 275 0.86 -24.72 11.78
CA GLU A 275 1.10 -24.93 13.21
C GLU A 275 2.55 -24.60 13.57
N LEU A 276 3.50 -25.00 12.73
CA LEU A 276 4.90 -24.64 12.97
C LEU A 276 5.08 -23.13 12.99
N ALA A 277 4.52 -22.44 12.00
CA ALA A 277 4.68 -20.99 11.91
C ALA A 277 4.05 -20.28 13.08
N LYS A 278 2.84 -20.70 13.48
CA LYS A 278 2.24 -20.15 14.69
C LYS A 278 3.18 -20.37 15.91
N GLU A 279 3.76 -21.56 16.02
CA GLU A 279 4.61 -21.85 17.16
C GLU A 279 5.85 -20.94 17.14
N PHE A 280 6.44 -20.75 15.96
CA PHE A 280 7.62 -19.89 15.85
C PHE A 280 7.27 -18.46 16.17
N LEU A 281 6.17 -17.95 15.56
CA LEU A 281 5.87 -16.53 15.73
C LEU A 281 5.45 -16.21 17.17
N GLU A 282 4.66 -17.09 17.80
CA GLU A 282 4.12 -16.81 19.13
C GLU A 282 5.11 -17.11 20.25
N ASN A 283 5.86 -18.21 20.15
CA ASN A 283 6.65 -18.71 21.28
C ASN A 283 8.15 -18.51 21.11
N TYR A 284 8.62 -18.02 19.95
CA TYR A 284 10.03 -17.72 19.76
C TYR A 284 10.25 -16.27 19.37
N LEU A 285 9.58 -15.78 18.32
CA LEU A 285 9.84 -14.43 17.84
C LEU A 285 9.26 -13.40 18.79
N LEU A 286 7.94 -13.49 19.04
CA LEU A 286 7.23 -12.46 19.80
C LEU A 286 7.45 -12.68 21.32
N THR A 287 8.75 -12.71 21.69
CA THR A 287 9.20 -12.85 23.06
C THR A 287 10.32 -11.83 23.30
N ASP A 288 10.61 -11.58 24.58
CA ASP A 288 11.66 -10.63 24.94
C ASP A 288 12.96 -10.96 24.22
N GLU A 289 13.39 -12.22 24.29
CA GLU A 289 14.66 -12.59 23.66
C GLU A 289 14.54 -12.60 22.14
N GLY A 290 13.36 -12.98 21.60
CA GLY A 290 13.23 -13.06 20.15
C GLY A 290 13.32 -11.69 19.50
N LEU A 291 12.56 -10.72 20.02
CA LEU A 291 12.58 -9.39 19.42
C LEU A 291 13.93 -8.71 19.67
N GLU A 292 14.52 -8.90 20.86
CA GLU A 292 15.85 -8.36 21.11
C GLU A 292 16.83 -8.84 20.05
N ALA A 293 16.82 -10.14 19.77
CA ALA A 293 17.71 -10.71 18.75
C ALA A 293 17.53 -9.97 17.41
N VAL A 294 16.27 -9.76 16.98
CA VAL A 294 16.08 -8.98 15.76
C VAL A 294 16.49 -7.52 15.95
N ASN A 295 16.06 -6.91 17.06
CA ASN A 295 16.34 -5.50 17.33
C ASN A 295 17.82 -5.18 17.31
N LYS A 296 18.66 -6.09 17.79
CA LYS A 296 20.13 -5.86 17.80
C LYS A 296 20.70 -5.87 16.40
N ASP A 297 20.00 -6.48 15.44
CA ASP A 297 20.45 -6.44 14.03
C ASP A 297 20.06 -5.10 13.42
N LYS A 298 18.74 -4.85 13.28
CA LYS A 298 18.27 -3.54 12.88
C LYS A 298 17.14 -3.15 13.80
N PRO A 299 17.21 -1.99 14.47
CA PRO A 299 16.16 -1.64 15.45
C PRO A 299 14.78 -1.76 14.82
N LEU A 300 13.82 -2.24 15.61
CA LEU A 300 12.45 -2.49 15.14
C LEU A 300 11.52 -1.30 15.30
N GLY A 301 11.80 -0.41 16.28
CA GLY A 301 10.84 0.63 16.64
C GLY A 301 10.14 0.31 17.95
N ALA A 302 8.94 0.84 18.15
CA ALA A 302 8.18 0.56 19.35
C ALA A 302 7.47 -0.79 19.14
N VAL A 303 8.02 -1.83 19.72
CA VAL A 303 7.51 -3.17 19.46
C VAL A 303 6.10 -3.33 20.03
N ALA A 304 5.38 -4.31 19.47
CA ALA A 304 4.02 -4.59 19.91
C ALA A 304 3.95 -5.36 21.21
N LEU A 305 5.05 -5.99 21.62
CA LEU A 305 5.06 -6.78 22.86
C LEU A 305 5.28 -5.88 24.08
N LYS A 306 4.26 -5.81 24.95
CA LYS A 306 4.27 -4.86 26.05
C LYS A 306 5.52 -5.03 26.93
N SER A 307 5.89 -6.27 27.25
CA SER A 307 6.99 -6.46 28.20
C SER A 307 8.26 -5.81 27.69
N TYR A 308 8.53 -5.93 26.38
CA TYR A 308 9.76 -5.41 25.80
C TYR A 308 9.66 -3.94 25.42
N GLU A 309 8.49 -3.48 24.96
CA GLU A 309 8.34 -2.06 24.63
C GLU A 309 8.49 -1.17 25.87
N GLU A 310 8.28 -1.72 27.08
CA GLU A 310 8.41 -0.92 28.27
C GLU A 310 9.87 -0.54 28.51
N GLU A 311 10.81 -1.36 28.05
CA GLU A 311 12.22 -1.03 28.18
C GLU A 311 12.69 -0.13 27.03
N LEU A 312 12.27 -0.42 25.79
CA LEU A 312 12.72 0.39 24.67
C LEU A 312 12.18 1.83 24.75
N ALA A 313 10.94 2.01 25.21
CA ALA A 313 10.34 3.34 25.27
C ALA A 313 11.23 4.33 26.00
N LYS A 314 12.05 3.84 26.95
CA LYS A 314 12.95 4.72 27.67
C LYS A 314 14.02 5.33 26.78
N ASP A 315 14.27 4.76 25.62
CA ASP A 315 15.25 5.30 24.68
C ASP A 315 14.68 6.53 23.97
N PRO A 316 15.36 7.67 24.01
CA PRO A 316 14.81 8.88 23.39
C PRO A 316 14.56 8.71 21.90
N ARG A 317 15.37 7.92 21.20
CA ARG A 317 15.07 7.65 19.80
C ARG A 317 13.68 6.97 19.61
N ILE A 318 13.26 6.15 20.57
CA ILE A 318 11.95 5.53 20.48
C ILE A 318 10.86 6.53 20.88
N ALA A 319 11.14 7.34 21.91
CA ALA A 319 10.18 8.38 22.28
C ALA A 319 9.97 9.35 21.12
N ALA A 320 11.02 9.71 20.41
CA ALA A 320 10.86 10.54 19.24
C ALA A 320 10.06 9.81 18.16
N THR A 321 10.34 8.52 17.96
CA THR A 321 9.56 7.75 17.00
C THR A 321 8.07 7.80 17.34
N MET A 322 7.73 7.54 18.61
CA MET A 322 6.30 7.47 18.96
C MET A 322 5.65 8.85 18.99
N GLU A 323 6.45 9.90 19.19
CA GLU A 323 5.90 11.24 19.08
C GLU A 323 5.59 11.59 17.63
N ASN A 324 6.49 11.24 16.70
CA ASN A 324 6.20 11.43 15.29
C ASN A 324 4.99 10.58 14.85
N ALA A 325 4.83 9.40 15.43
CA ALA A 325 3.69 8.55 15.13
C ALA A 325 2.39 9.23 15.56
N GLN A 326 2.35 9.71 16.81
CA GLN A 326 1.13 10.33 17.32
C GLN A 326 0.71 11.54 16.49
N LYS A 327 1.66 12.20 15.82
CA LYS A 327 1.31 13.28 14.90
C LYS A 327 0.89 12.77 13.52
N GLY A 328 1.30 11.57 13.16
CA GLY A 328 0.97 10.99 11.89
C GLY A 328 -0.32 10.19 11.99
N GLU A 329 -0.44 9.16 11.16
CA GLU A 329 -1.67 8.38 11.12
C GLU A 329 -1.34 6.95 10.72
N ILE A 330 -1.91 5.99 11.46
CA ILE A 330 -1.81 4.58 11.07
C ILE A 330 -2.33 4.42 9.65
N MET A 331 -1.57 3.73 8.80
CA MET A 331 -1.99 3.50 7.45
C MET A 331 -3.26 2.63 7.45
N PRO A 332 -4.17 2.87 6.50
CA PRO A 332 -5.21 1.88 6.23
C PRO A 332 -4.55 0.58 5.78
N ASN A 333 -5.32 -0.51 5.87
CA ASN A 333 -4.93 -1.80 5.29
C ASN A 333 -5.89 -2.20 4.18
N ILE A 334 -6.80 -1.35 3.77
CA ILE A 334 -7.76 -1.69 2.73
C ILE A 334 -7.01 -2.08 1.46
N PRO A 335 -7.66 -2.86 0.57
CA PRO A 335 -6.96 -3.39 -0.61
C PRO A 335 -6.49 -2.32 -1.57
N GLN A 336 -7.16 -1.17 -1.61
CA GLN A 336 -6.76 -0.08 -2.49
C GLN A 336 -5.45 0.62 -2.06
N MET A 337 -4.88 0.27 -0.90
CA MET A 337 -3.66 0.98 -0.46
C MET A 337 -2.54 0.84 -1.50
N SER A 338 -2.37 -0.37 -2.05
CA SER A 338 -1.33 -0.58 -3.03
C SER A 338 -1.52 0.34 -4.25
N ALA A 339 -2.75 0.44 -4.73
CA ALA A 339 -3.01 1.32 -5.88
C ALA A 339 -2.74 2.77 -5.53
N PHE A 340 -3.10 3.19 -4.34
CA PHE A 340 -2.78 4.54 -3.89
C PHE A 340 -1.26 4.77 -3.93
N TRP A 341 -0.49 3.84 -3.35
CA TRP A 341 0.95 4.00 -3.25
C TRP A 341 1.61 4.05 -4.64
N TYR A 342 1.22 3.16 -5.53
CA TYR A 342 1.76 3.18 -6.89
C TYR A 342 1.50 4.54 -7.54
N ALA A 343 0.30 5.09 -7.34
CA ALA A 343 -0.03 6.35 -7.99
C ALA A 343 0.82 7.49 -7.42
N VAL A 344 0.89 7.59 -6.09
CA VAL A 344 1.59 8.73 -5.50
C VAL A 344 3.10 8.63 -5.76
N ARG A 345 3.65 7.41 -5.83
CA ARG A 345 5.06 7.23 -6.19
C ARG A 345 5.33 7.82 -7.55
N THR A 346 4.47 7.48 -8.53
CA THR A 346 4.69 8.04 -9.85
C THR A 346 4.57 9.55 -9.83
N ALA A 347 3.66 10.12 -9.04
CA ALA A 347 3.42 11.56 -9.05
C ALA A 347 4.58 12.31 -8.40
N VAL A 348 5.08 11.78 -7.27
CA VAL A 348 6.20 12.47 -6.63
C VAL A 348 7.42 12.49 -7.54
N ILE A 349 7.68 11.37 -8.21
CA ILE A 349 8.88 11.26 -9.05
C ILE A 349 8.75 12.17 -10.26
N ASN A 350 7.59 12.14 -10.96
CA ASN A 350 7.41 13.00 -12.11
C ASN A 350 7.45 14.49 -11.73
N ALA A 351 6.86 14.86 -10.59
CA ALA A 351 6.89 16.26 -10.17
C ALA A 351 8.32 16.68 -9.74
N ALA A 352 9.05 15.82 -9.05
CA ALA A 352 10.41 16.16 -8.65
C ALA A 352 11.32 16.31 -9.87
N SER A 353 11.15 15.48 -10.90
CA SER A 353 12.01 15.47 -12.06
C SER A 353 11.57 16.48 -13.10
N GLY A 354 10.36 17.02 -13.00
CA GLY A 354 9.88 17.96 -14.02
C GLY A 354 9.06 17.35 -15.14
N ARG A 355 8.90 16.03 -15.19
CA ARG A 355 8.11 15.40 -16.28
C ARG A 355 6.66 15.92 -16.29
N GLN A 356 6.09 16.18 -15.11
CA GLN A 356 4.81 16.85 -14.98
C GLN A 356 4.93 17.97 -13.94
N THR A 357 4.00 18.94 -14.03
CA THR A 357 3.81 19.91 -12.95
C THR A 357 3.22 19.23 -11.71
N VAL A 358 3.21 19.94 -10.59
CA VAL A 358 2.53 19.42 -9.42
C VAL A 358 1.05 19.21 -9.73
N ASP A 359 0.44 20.15 -10.46
CA ASP A 359 -0.98 19.97 -10.82
C ASP A 359 -1.20 18.71 -11.64
N GLU A 360 -0.45 18.57 -12.74
CA GLU A 360 -0.54 17.35 -13.55
C GLU A 360 -0.31 16.11 -12.71
N ALA A 361 0.80 16.08 -11.96
CA ALA A 361 1.23 14.86 -11.27
C ALA A 361 0.18 14.41 -10.29
N LEU A 362 -0.37 15.32 -9.50
CA LEU A 362 -1.35 14.92 -8.49
C LEU A 362 -2.72 14.64 -9.08
N LYS A 363 -3.08 15.31 -10.16
CA LYS A 363 -4.37 14.96 -10.80
C LYS A 363 -4.37 13.51 -11.25
N ASP A 364 -3.31 13.09 -11.96
CA ASP A 364 -3.19 11.70 -12.40
C ASP A 364 -3.22 10.76 -11.20
N ALA A 365 -2.52 11.12 -10.12
CA ALA A 365 -2.50 10.26 -8.96
C ALA A 365 -3.86 10.19 -8.32
N GLN A 366 -4.60 11.31 -8.31
CA GLN A 366 -5.98 11.28 -7.85
C GLN A 366 -6.83 10.36 -8.72
N THR A 367 -6.65 10.43 -10.03
CA THR A 367 -7.43 9.56 -10.92
C THR A 367 -7.04 8.10 -10.74
N GLY A 368 -5.75 7.84 -10.43
CA GLY A 368 -5.33 6.49 -10.19
C GLY A 368 -5.84 5.92 -8.89
N SER A 369 -5.78 6.68 -7.80
CA SER A 369 -6.26 6.17 -6.52
C SER A 369 -7.78 5.93 -6.52
N GLU A 370 -8.53 6.66 -7.37
CA GLU A 370 -9.99 6.53 -7.42
C GLU A 370 -10.47 5.52 -8.46
N LEU A 371 -9.54 4.99 -9.28
CA LEU A 371 -9.96 4.24 -10.46
C LEU A 371 -10.84 3.04 -10.09
N TYR A 372 -10.43 2.27 -9.08
CA TYR A 372 -11.16 1.06 -8.78
C TYR A 372 -12.59 1.36 -8.29
N ARG A 373 -12.72 2.20 -7.29
CA ARG A 373 -14.03 2.53 -6.75
C ARG A 373 -14.95 3.09 -7.85
N GLN A 374 -14.44 3.99 -8.67
CA GLN A 374 -15.28 4.64 -9.66
C GLN A 374 -15.70 3.65 -10.73
N SER A 375 -14.79 2.80 -11.20
CA SER A 375 -15.13 1.76 -12.15
C SER A 375 -16.18 0.81 -11.56
N LEU A 376 -15.94 0.34 -10.33
CA LEU A 376 -16.95 -0.54 -9.71
C LEU A 376 -18.33 0.12 -9.64
N GLU A 377 -18.38 1.40 -9.26
CA GLU A 377 -19.65 2.10 -9.17
C GLU A 377 -20.39 2.03 -10.51
N ILE A 378 -19.71 2.34 -11.61
CA ILE A 378 -20.32 2.33 -12.91
C ILE A 378 -20.72 0.90 -13.29
N ILE A 379 -19.78 -0.05 -13.17
CA ILE A 379 -20.03 -1.38 -13.70
C ILE A 379 -21.11 -2.07 -12.90
N SER A 380 -21.11 -1.90 -11.58
CA SER A 380 -22.12 -2.53 -10.76
C SER A 380 -23.52 -1.95 -11.07
N ARG A 381 -23.61 -0.63 -11.15
CA ARG A 381 -24.94 -0.06 -11.45
C ARG A 381 -25.45 -0.54 -12.79
N TYR A 382 -24.58 -0.62 -13.81
CA TYR A 382 -25.03 -1.04 -15.12
C TYR A 382 -25.50 -2.50 -15.08
N LEU A 383 -24.70 -3.40 -14.47
CA LEU A 383 -25.07 -4.80 -14.42
C LEU A 383 -26.43 -4.98 -13.73
N ARG A 384 -26.65 -4.28 -12.60
CA ARG A 384 -27.84 -4.49 -11.79
C ARG A 384 -29.09 -3.88 -12.43
N GLU A 385 -28.97 -2.71 -13.04
CA GLU A 385 -30.13 -2.15 -13.70
C GLU A 385 -30.50 -2.97 -14.95
N GLN A 386 -29.48 -3.54 -15.61
CA GLN A 386 -29.73 -4.39 -16.73
C GLN A 386 -30.45 -5.68 -16.27
N ALA A 387 -29.96 -6.29 -15.18
CA ALA A 387 -30.57 -7.53 -14.70
C ALA A 387 -31.99 -7.31 -14.16
N THR A 388 -32.20 -6.23 -13.40
CA THR A 388 -33.48 -6.11 -12.70
C THR A 388 -34.52 -5.30 -13.47
N GLY A 389 -34.11 -4.46 -14.43
CA GLY A 389 -34.97 -3.54 -15.12
C GLY A 389 -35.12 -2.18 -14.49
N ALA A 390 -34.52 -1.93 -13.31
CA ALA A 390 -34.73 -0.71 -12.57
C ALA A 390 -33.37 -0.19 -12.10
N ALA A 391 -33.24 1.14 -12.02
CA ALA A 391 -31.99 1.79 -11.72
C ALA A 391 -31.81 1.90 -10.22
N ASP A 392 -30.58 2.21 -9.82
CA ASP A 392 -30.26 2.44 -8.42
C ASP A 392 -30.61 3.87 -8.05
N THR A 393 -31.41 4.05 -7.02
CA THR A 393 -31.85 5.39 -6.66
C THR A 393 -30.82 6.13 -5.81
N ALA A 394 -29.68 5.51 -5.53
CA ALA A 394 -28.75 6.12 -4.58
C ALA A 394 -27.92 7.20 -5.28
N PRO A 395 -27.71 8.33 -4.63
CA PRO A 395 -26.81 9.35 -5.19
C PRO A 395 -25.50 8.74 -5.66
N MET A 396 -24.89 9.37 -6.66
CA MET A 396 -23.61 8.89 -7.15
C MET A 396 -22.46 9.32 -6.24
N GLY A 397 -22.49 10.55 -5.75
CA GLY A 397 -21.47 11.00 -4.81
C GLY A 397 -20.25 11.62 -5.45
N ALA A 398 -19.08 11.35 -4.88
CA ALA A 398 -17.83 12.00 -5.29
C ALA A 398 -17.53 11.72 -6.75
N SER A 399 -17.17 12.77 -7.50
CA SER A 399 -17.03 12.68 -8.96
C SER A 399 -18.31 12.13 -9.61
N GLY A 400 -19.45 12.50 -9.02
CA GLY A 400 -20.71 11.95 -9.46
C GLY A 400 -21.10 12.40 -10.85
N ALA A 401 -20.59 13.57 -11.29
CA ALA A 401 -20.85 13.97 -12.68
C ALA A 401 -20.24 12.97 -13.65
N THR A 402 -19.00 12.56 -13.38
CA THR A 402 -18.34 11.59 -14.26
C THR A 402 -19.10 10.27 -14.28
N SER A 403 -19.35 9.71 -13.10
CA SER A 403 -20.05 8.43 -13.01
C SER A 403 -21.41 8.47 -13.70
N ARG A 404 -22.19 9.53 -13.43
CA ARG A 404 -23.52 9.62 -14.04
C ARG A 404 -23.42 9.61 -15.56
N LYS A 405 -22.48 10.36 -16.13
CA LYS A 405 -22.39 10.43 -17.58
C LYS A 405 -21.69 9.21 -18.16
N ALA A 406 -20.77 8.65 -17.44
CA ALA A 406 -20.21 7.35 -17.86
C ALA A 406 -21.32 6.32 -17.98
N LEU A 407 -22.19 6.24 -16.95
CA LEU A 407 -23.28 5.27 -16.98
C LEU A 407 -24.25 5.57 -18.13
N GLU A 408 -24.56 6.85 -18.34
CA GLU A 408 -25.45 7.19 -19.44
C GLU A 408 -24.80 6.83 -20.78
N THR A 409 -23.52 7.17 -20.95
CA THR A 409 -22.79 6.73 -22.14
C THR A 409 -22.87 5.21 -22.27
N LEU A 410 -22.59 4.49 -21.18
CA LEU A 410 -22.64 3.03 -21.22
C LEU A 410 -24.03 2.50 -21.63
N ARG A 411 -25.10 3.11 -21.11
CA ARG A 411 -26.44 2.69 -21.54
C ARG A 411 -26.55 2.78 -23.04
N ARG A 412 -26.10 3.87 -23.64
CA ARG A 412 -26.12 4.03 -25.08
C ARG A 412 -25.34 2.92 -25.79
N VAL A 413 -24.02 2.88 -25.60
CA VAL A 413 -23.20 2.00 -26.42
C VAL A 413 -23.26 0.54 -25.99
N GLY A 414 -23.62 0.25 -24.74
CA GLY A 414 -23.69 -1.12 -24.24
C GLY A 414 -24.92 -1.88 -24.75
N ASP A 415 -26.04 -1.18 -24.86
CA ASP A 415 -27.27 -1.86 -25.28
C ASP A 415 -27.19 -2.23 -26.75
N GLY A 416 -26.50 -1.42 -27.54
CA GLY A 416 -26.29 -1.79 -28.93
C GLY A 416 -25.37 -2.98 -29.10
N VAL A 417 -24.43 -3.16 -28.16
CA VAL A 417 -23.55 -4.33 -28.28
C VAL A 417 -24.28 -5.62 -27.91
N GLN A 418 -25.11 -5.59 -26.86
CA GLN A 418 -25.81 -6.80 -26.46
C GLN A 418 -26.76 -7.24 -27.53
N ARG A 419 -27.34 -6.30 -28.28
CA ARG A 419 -28.23 -6.66 -29.37
C ARG A 419 -27.44 -7.19 -30.55
N ASN A 420 -26.47 -6.40 -31.03
CA ASN A 420 -25.75 -6.79 -32.23
C ASN A 420 -24.97 -8.10 -32.01
N HIS A 421 -24.44 -8.31 -30.79
CA HIS A 421 -23.59 -9.46 -30.53
C HIS A 421 -24.31 -10.50 -29.69
N GLU A 422 -25.63 -10.52 -29.77
CA GLU A 422 -26.40 -11.53 -29.02
C GLU A 422 -26.02 -12.96 -29.38
N THR A 423 -25.62 -13.22 -30.62
CA THR A 423 -25.24 -14.56 -31.01
C THR A 423 -23.95 -15.01 -30.31
N ALA A 424 -22.90 -14.20 -30.43
CA ALA A 424 -21.63 -14.54 -29.76
C ALA A 424 -21.83 -14.58 -28.24
N PHE A 425 -22.65 -13.68 -27.70
CA PHE A 425 -22.85 -13.65 -26.25
C PHE A 425 -23.53 -14.90 -25.77
N GLN A 426 -24.61 -15.32 -26.45
CA GLN A 426 -25.28 -16.57 -26.09
C GLN A 426 -24.30 -17.74 -26.14
N GLY A 427 -23.47 -17.80 -27.17
CA GLY A 427 -22.53 -18.91 -27.28
C GLY A 427 -21.48 -18.91 -26.18
N MET A 428 -20.93 -17.74 -25.85
CA MET A 428 -19.97 -17.67 -24.75
C MET A 428 -20.65 -18.02 -23.44
N LEU A 429 -21.91 -17.68 -23.27
CA LEU A 429 -22.59 -17.91 -22.02
C LEU A 429 -22.92 -19.38 -21.80
N ARG A 430 -22.82 -20.22 -22.83
CA ARG A 430 -23.05 -21.66 -22.71
C ARG A 430 -21.75 -22.42 -22.46
N LYS A 431 -20.69 -22.10 -23.23
CA LYS A 431 -19.39 -22.73 -22.98
C LYS A 431 -19.01 -22.61 -21.52
N LEU A 432 -19.10 -21.40 -20.98
CA LEU A 432 -19.21 -21.20 -19.53
C LEU A 432 -20.65 -21.49 -19.16
N ASP A 433 -20.90 -22.36 -18.23
CA ASP A 433 -22.24 -22.48 -17.69
C ASP A 433 -22.22 -22.03 -16.28
N ILE A 434 -22.87 -20.92 -15.96
CA ILE A 434 -22.87 -20.21 -14.71
C ILE A 434 -24.16 -20.53 -13.99
N LYS A 435 -24.05 -21.29 -12.90
CA LYS A 435 -25.17 -21.58 -12.03
C LYS A 435 -24.93 -21.26 -10.57
N ASN A 436 -23.67 -21.06 -10.15
CA ASN A 436 -23.32 -20.89 -8.75
C ASN A 436 -22.56 -19.60 -8.58
N GLU A 437 -22.51 -19.13 -7.33
CA GLU A 437 -21.59 -18.08 -6.97
C GLU A 437 -20.14 -18.54 -7.12
N ASP A 438 -19.89 -19.84 -6.96
CA ASP A 438 -18.54 -20.36 -7.13
C ASP A 438 -18.08 -20.28 -8.58
N ASP A 439 -18.95 -20.68 -9.53
CA ASP A 439 -18.59 -20.55 -10.94
C ASP A 439 -18.10 -19.14 -11.28
N VAL A 440 -18.78 -18.12 -10.74
CA VAL A 440 -18.40 -16.74 -11.02
C VAL A 440 -16.95 -16.48 -10.65
N LYS A 441 -16.42 -17.18 -9.65
CA LYS A 441 -15.01 -17.02 -9.32
C LYS A 441 -14.10 -17.67 -10.35
N SER A 442 -14.59 -18.70 -11.07
CA SER A 442 -13.80 -19.31 -12.15
C SER A 442 -13.70 -18.44 -13.38
N LEU A 443 -14.53 -17.40 -13.48
CA LEU A 443 -14.56 -16.58 -14.69
C LEU A 443 -13.25 -15.83 -14.88
N SER A 444 -12.68 -15.28 -13.82
CA SER A 444 -11.53 -14.39 -13.95
C SER A 444 -10.43 -15.01 -14.83
N ARG A 445 -10.26 -16.34 -14.73
CA ARG A 445 -9.24 -16.98 -15.57
C ARG A 445 -9.50 -16.73 -17.06
N VAL A 446 -10.65 -17.20 -17.55
CA VAL A 446 -10.96 -17.02 -18.97
C VAL A 446 -11.19 -15.55 -19.31
N MET A 447 -11.79 -14.81 -18.39
CA MET A 447 -12.01 -13.39 -18.63
C MET A 447 -10.68 -12.68 -18.92
N ILE A 448 -9.63 -12.97 -18.15
CA ILE A 448 -8.35 -12.32 -18.36
C ILE A 448 -7.71 -12.85 -19.65
N HIS A 449 -7.70 -14.15 -19.85
CA HIS A 449 -7.15 -14.70 -21.09
C HIS A 449 -7.68 -13.92 -22.32
N VAL A 450 -9.01 -13.70 -22.34
CA VAL A 450 -9.57 -13.06 -23.54
C VAL A 450 -9.26 -11.55 -23.55
N PHE A 451 -9.55 -10.87 -22.45
CA PHE A 451 -9.35 -9.42 -22.44
C PHE A 451 -7.88 -9.04 -22.66
N SER A 452 -6.96 -9.87 -22.21
CA SER A 452 -5.54 -9.52 -22.26
C SER A 452 -4.94 -9.66 -23.65
N ASP A 453 -5.40 -10.63 -24.45
CA ASP A 453 -4.69 -11.04 -25.66
C ASP A 453 -5.19 -10.26 -26.87
N GLY A 454 -4.91 -8.96 -26.86
CA GLY A 454 -5.25 -8.14 -28.01
C GLY A 454 -4.81 -6.70 -27.83
N VAL A 455 -5.43 -5.82 -28.61
CA VAL A 455 -5.17 -4.39 -28.50
C VAL A 455 -6.03 -3.79 -27.36
N THR A 456 -5.82 -2.52 -27.07
CA THR A 456 -6.52 -1.84 -26.00
C THR A 456 -7.32 -0.68 -26.60
N ASN A 457 -8.59 -0.58 -26.21
CA ASN A 457 -9.43 0.55 -26.64
C ASN A 457 -10.77 0.47 -25.90
N TRP A 458 -11.51 1.57 -25.95
CA TRP A 458 -12.74 1.67 -25.22
C TRP A 458 -13.77 0.67 -25.73
N GLY A 459 -13.62 0.21 -26.97
CA GLY A 459 -14.63 -0.68 -27.53
C GLY A 459 -14.61 -2.06 -26.88
N ARG A 460 -13.40 -2.59 -26.60
CA ARG A 460 -13.33 -3.88 -25.93
C ARG A 460 -13.77 -3.75 -24.50
N ILE A 461 -13.55 -2.58 -23.88
CA ILE A 461 -14.04 -2.35 -22.51
C ILE A 461 -15.56 -2.41 -22.49
N VAL A 462 -16.20 -1.81 -23.49
CA VAL A 462 -17.66 -1.93 -23.60
C VAL A 462 -18.08 -3.38 -23.79
N THR A 463 -17.36 -4.13 -24.62
CA THR A 463 -17.67 -5.55 -24.75
C THR A 463 -17.59 -6.25 -23.42
N LEU A 464 -16.49 -5.98 -22.67
CA LEU A 464 -16.28 -6.58 -21.37
C LEU A 464 -17.48 -6.34 -20.46
N ILE A 465 -17.88 -5.09 -20.31
CA ILE A 465 -18.98 -4.75 -19.41
C ILE A 465 -20.33 -5.22 -19.98
N SER A 466 -20.49 -5.22 -21.31
CA SER A 466 -21.79 -5.60 -21.92
C SER A 466 -22.05 -7.10 -21.76
N PHE A 467 -21.04 -7.96 -22.01
CA PHE A 467 -21.22 -9.35 -21.67
C PHE A 467 -21.48 -9.49 -20.19
N GLY A 468 -20.80 -8.66 -19.37
CA GLY A 468 -21.09 -8.67 -17.94
C GLY A 468 -22.57 -8.48 -17.66
N ALA A 469 -23.18 -7.51 -18.35
CA ALA A 469 -24.61 -7.27 -18.18
C ALA A 469 -25.44 -8.45 -18.75
N PHE A 470 -25.00 -9.00 -19.88
CA PHE A 470 -25.64 -10.18 -20.44
C PHE A 470 -25.62 -11.32 -19.44
N VAL A 471 -24.50 -11.53 -18.77
CA VAL A 471 -24.41 -12.59 -17.78
C VAL A 471 -25.24 -12.25 -16.54
N ALA A 472 -25.33 -10.96 -16.18
CA ALA A 472 -26.12 -10.58 -15.00
C ALA A 472 -27.60 -10.90 -15.24
N LYS A 473 -28.11 -10.59 -16.44
CA LYS A 473 -29.52 -10.91 -16.75
C LYS A 473 -29.79 -12.39 -16.54
N HIS A 474 -28.87 -13.24 -17.00
CA HIS A 474 -29.03 -14.67 -16.80
C HIS A 474 -28.99 -15.03 -15.32
N LEU A 475 -28.07 -14.44 -14.55
CA LEU A 475 -28.02 -14.80 -13.15
C LEU A 475 -29.33 -14.44 -12.43
N LYS A 476 -29.98 -13.41 -12.88
CA LYS A 476 -31.18 -13.01 -12.25
C LYS A 476 -32.31 -13.96 -12.56
N THR A 477 -32.32 -14.50 -13.75
CA THR A 477 -33.40 -15.39 -14.13
C THR A 477 -33.31 -16.73 -13.40
N ILE A 478 -32.09 -17.17 -13.07
CA ILE A 478 -31.95 -18.45 -12.35
C ILE A 478 -31.83 -18.21 -10.86
N ASN A 479 -32.38 -17.07 -10.37
CA ASN A 479 -32.44 -16.82 -8.92
C ASN A 479 -31.05 -16.74 -8.30
N GLN A 480 -30.07 -16.23 -9.06
CA GLN A 480 -28.71 -16.07 -8.58
C GLN A 480 -28.31 -14.60 -8.55
N GLU A 481 -29.27 -13.74 -8.22
CA GLU A 481 -29.04 -12.31 -8.20
C GLU A 481 -27.93 -11.96 -7.22
N SER A 482 -27.71 -12.79 -6.20
CA SER A 482 -26.61 -12.54 -5.24
C SER A 482 -25.23 -12.55 -5.90
N CYS A 483 -25.09 -13.16 -7.07
CA CYS A 483 -23.82 -13.28 -7.76
C CYS A 483 -23.50 -12.09 -8.65
N ILE A 484 -24.38 -11.11 -8.75
CA ILE A 484 -24.15 -10.01 -9.70
C ILE A 484 -23.08 -9.09 -9.17
N GLU A 485 -23.10 -8.77 -7.85
CA GLU A 485 -22.08 -7.87 -7.33
C GLU A 485 -20.72 -8.52 -7.32
N PRO A 486 -20.54 -9.76 -6.89
CA PRO A 486 -19.24 -10.42 -7.05
C PRO A 486 -18.80 -10.49 -8.50
N LEU A 487 -19.76 -10.59 -9.45
CA LEU A 487 -19.41 -10.50 -10.86
C LEU A 487 -18.90 -9.10 -11.23
N ALA A 488 -19.55 -8.06 -10.71
CA ALA A 488 -19.13 -6.71 -11.01
C ALA A 488 -17.72 -6.44 -10.43
N GLU A 489 -17.43 -7.00 -9.27
CA GLU A 489 -16.11 -6.82 -8.66
C GLU A 489 -15.05 -7.53 -9.47
N SER A 490 -15.31 -8.73 -9.96
CA SER A 490 -14.33 -9.44 -10.74
C SER A 490 -14.08 -8.73 -12.10
N ILE A 491 -15.16 -8.32 -12.74
CA ILE A 491 -14.94 -7.55 -13.96
C ILE A 491 -14.08 -6.31 -13.66
N THR A 492 -14.39 -5.60 -12.56
CA THR A 492 -13.71 -4.35 -12.32
C THR A 492 -12.23 -4.61 -11.99
N ASP A 493 -11.95 -5.66 -11.19
CA ASP A 493 -10.56 -5.99 -10.89
C ASP A 493 -9.78 -6.33 -12.17
N VAL A 494 -10.36 -7.13 -13.07
CA VAL A 494 -9.68 -7.47 -14.32
C VAL A 494 -9.43 -6.21 -15.14
N LEU A 495 -10.44 -5.36 -15.24
CA LEU A 495 -10.30 -4.13 -16.03
C LEU A 495 -9.18 -3.20 -15.46
N VAL A 496 -9.21 -2.96 -14.16
CA VAL A 496 -8.39 -1.92 -13.58
C VAL A 496 -6.94 -2.35 -13.53
N ARG A 497 -6.67 -3.61 -13.25
CA ARG A 497 -5.29 -4.05 -13.14
C ARG A 497 -4.66 -4.37 -14.47
N THR A 498 -5.43 -4.71 -15.48
CA THR A 498 -4.83 -4.96 -16.80
C THR A 498 -4.70 -3.68 -17.64
N LYS A 499 -5.49 -2.64 -17.36
CA LYS A 499 -5.44 -1.43 -18.16
C LYS A 499 -5.22 -0.17 -17.32
N ARG A 500 -4.71 -0.32 -16.09
CA ARG A 500 -4.51 0.81 -15.18
C ARG A 500 -3.86 2.00 -15.87
N ASP A 501 -2.66 1.80 -16.40
CA ASP A 501 -1.90 2.93 -16.96
C ASP A 501 -2.60 3.51 -18.20
N TRP A 502 -3.16 2.65 -19.05
CA TRP A 502 -3.94 3.16 -20.19
C TRP A 502 -5.11 4.02 -19.73
N LEU A 503 -5.90 3.53 -18.77
CA LEU A 503 -7.07 4.26 -18.30
C LEU A 503 -6.68 5.62 -17.70
N VAL A 504 -5.69 5.63 -16.81
CA VAL A 504 -5.20 6.90 -16.28
C VAL A 504 -4.75 7.84 -17.39
N LYS A 505 -4.04 7.32 -18.39
CA LYS A 505 -3.67 8.14 -19.54
C LYS A 505 -4.87 8.68 -20.31
N GLN A 506 -6.03 7.98 -20.28
CA GLN A 506 -7.25 8.48 -20.96
C GLN A 506 -8.04 9.46 -20.10
N ARG A 507 -7.52 9.89 -18.96
CA ARG A 507 -8.28 10.67 -17.98
C ARG A 507 -9.46 9.85 -17.48
N GLY A 508 -9.22 8.55 -17.31
CA GLY A 508 -10.24 7.71 -16.72
C GLY A 508 -11.56 7.78 -17.46
N TRP A 509 -12.66 7.69 -16.71
CA TRP A 509 -13.98 7.65 -17.28
C TRP A 509 -14.41 8.97 -17.91
N ASP A 510 -13.68 10.07 -17.68
CA ASP A 510 -13.94 11.27 -18.46
C ASP A 510 -13.60 11.05 -19.93
N GLY A 511 -12.50 10.32 -20.21
CA GLY A 511 -12.19 9.99 -21.58
C GLY A 511 -13.26 9.11 -22.21
N PHE A 512 -13.69 8.09 -21.50
CA PHE A 512 -14.82 7.27 -21.96
C PHE A 512 -15.96 8.15 -22.46
N VAL A 513 -16.47 9.01 -21.58
CA VAL A 513 -17.58 9.89 -21.95
C VAL A 513 -17.24 10.74 -23.17
N GLU A 514 -16.00 11.26 -23.23
CA GLU A 514 -15.63 12.10 -24.37
C GLU A 514 -15.45 11.29 -25.64
N PHE A 515 -14.90 10.07 -25.52
CA PHE A 515 -14.64 9.27 -26.70
C PHE A 515 -15.94 8.90 -27.43
N PHE A 516 -17.00 8.58 -26.69
CA PHE A 516 -18.28 8.18 -27.28
C PHE A 516 -19.27 9.35 -27.33
N HIS A 517 -18.78 10.58 -27.19
CA HIS A 517 -19.67 11.73 -27.28
C HIS A 517 -20.27 11.82 -28.67
N VAL A 518 -21.57 12.13 -28.72
CA VAL A 518 -22.26 12.36 -29.99
C VAL A 518 -21.90 13.75 -30.53
#